data_4YJO
#
_entry.id   4YJO
#
_cell.length_a   39.936
_cell.length_b   84.821
_cell.length_c   40.412
_cell.angle_alpha   90.000
_cell.angle_beta   99.240
_cell.angle_gamma   90.000
#
_symmetry.space_group_name_H-M   'P 1 21 1'
#
loop_
_entity.id
_entity.type
_entity.pdbx_description
1 polymer 'Tyrosine-protein kinase SYK'
2 non-polymer 5-chloro-N~2~-(1,1-dioxido-2,3-dihydro-1,2-benzothiazol-6-yl)-N~4~-ethyl-N~4~-(1H-indazol-4-yl)pyrimidine-2,4-diamine
3 non-polymer GLYCEROL
4 water water
#
_entity_poly.entity_id   1
_entity_poly.type   'polypeptide(L)'
_entity_poly.pdbx_seq_one_letter_code
;PEEIRPKEVYLDRKLLTLEDKELGSGNFGTVKKGYYQMKKVVKTVAVKILKNEANDPALKDELLAEANVMQQLDNPYIVR
MIGICEAESWMLVMEMAELGPLNKYLQQNRHVKDKNIIELVHQVSMGMKYLEESNFVHRDLAARNVLLVTQHYAKISDFG
LSKALRADENYYKAQTHGKWPVKWYAPECINYYKFSSKSDVWSFGVLMWEAFSYGQKPYRGMKGSEVTAMLEKGERMGCP
AGCPREMYDLMNLCWTYDVENRPGFAAVELRLRNYYYDVVN
;
_entity_poly.pdbx_strand_id   A
#
loop_
_chem_comp.id
_chem_comp.type
_chem_comp.name
_chem_comp.formula
4DF non-polymer 5-chloro-N~2~-(1,1-dioxido-2,3-dihydro-1,2-benzothiazol-6-yl)-N~4~-ethyl-N~4~-(1H-indazol-4-yl)pyrimidine-2,4-diamine 'C20 H18 Cl N7 O2 S'
GOL non-polymer GLYCEROL 'C3 H8 O3'
#
# COMPACT_ATOMS: atom_id res chain seq x y z
N VAL A 9 -22.08 9.30 -10.50
CA VAL A 9 -22.08 10.79 -10.41
C VAL A 9 -20.70 11.30 -9.96
N TYR A 10 -20.10 12.15 -10.77
CA TYR A 10 -18.76 12.70 -10.52
C TYR A 10 -18.81 13.87 -9.54
N LEU A 11 -17.65 14.27 -9.01
CA LEU A 11 -17.57 15.45 -8.13
C LEU A 11 -17.75 16.77 -8.90
N ASP A 12 -18.18 17.79 -8.17
CA ASP A 12 -18.44 19.12 -8.72
C ASP A 12 -17.19 19.97 -8.46
N ARG A 13 -16.53 20.40 -9.54
CA ARG A 13 -15.29 21.16 -9.41
C ARG A 13 -15.46 22.42 -8.60
N LYS A 14 -16.67 22.96 -8.61
CA LYS A 14 -16.99 24.20 -7.89
C LYS A 14 -16.86 24.02 -6.38
N LEU A 15 -17.08 22.79 -5.92
CA LEU A 15 -17.02 22.45 -4.51
C LEU A 15 -15.61 22.00 -4.07
N LEU A 16 -14.64 21.98 -4.99
CA LEU A 16 -13.25 21.63 -4.70
C LEU A 16 -12.39 22.89 -4.68
N THR A 17 -11.64 23.06 -3.60
CA THR A 17 -10.68 24.14 -3.47
C THR A 17 -9.32 23.51 -3.26
N LEU A 18 -8.35 23.83 -4.09
CA LEU A 18 -7.02 23.27 -4.00
C LEU A 18 -6.01 24.24 -3.47
N GLU A 19 -5.02 23.74 -2.75
CA GLU A 19 -3.87 24.57 -2.38
C GLU A 19 -2.95 24.71 -3.58
N ASP A 20 -2.12 25.74 -3.55
CA ASP A 20 -1.17 25.99 -4.64
C ASP A 20 0.00 25.00 -4.63
N LYS A 21 0.54 24.74 -3.44
CA LYS A 21 1.73 23.88 -3.32
C LYS A 21 1.39 22.43 -3.59
N GLU A 22 2.24 21.73 -4.31
CA GLU A 22 2.01 20.33 -4.59
C GLU A 22 2.74 19.52 -3.53
N LEU A 23 2.05 18.53 -2.97
CA LEU A 23 2.59 17.64 -1.95
C LEU A 23 3.60 16.67 -2.52
N GLY A 24 3.39 16.26 -3.77
CA GLY A 24 4.27 15.31 -4.46
C GLY A 24 3.98 15.30 -5.95
N SER A 25 4.80 14.56 -6.69
CA SER A 25 4.67 14.43 -8.14
C SER A 25 5.18 13.08 -8.65
N GLY A 26 4.90 12.80 -9.93
CA GLY A 26 5.31 11.55 -10.57
C GLY A 26 4.99 11.65 -12.04
N ASN A 27 5.10 10.53 -12.76
CA ASN A 27 4.85 10.51 -14.20
C ASN A 27 3.44 10.94 -14.53
N PHE A 28 2.51 10.63 -13.63
CA PHE A 28 1.10 10.97 -13.82
C PHE A 28 0.84 12.47 -13.76
N GLY A 29 1.60 13.18 -12.93
CA GLY A 29 1.34 14.59 -12.67
C GLY A 29 1.66 14.95 -11.23
N THR A 30 0.68 15.51 -10.51
CA THR A 30 0.89 16.02 -9.16
C THR A 30 -0.17 15.57 -8.14
N VAL A 31 0.18 15.73 -6.86
CA VAL A 31 -0.73 15.46 -5.73
C VAL A 31 -0.81 16.75 -4.92
N LYS A 32 -2.00 17.32 -4.82
CA LYS A 32 -2.18 18.54 -4.03
C LYS A 32 -3.21 18.35 -2.92
N LYS A 33 -3.06 19.12 -1.87
CA LYS A 33 -4.01 19.15 -0.79
C LYS A 33 -5.10 20.13 -1.20
N GLY A 34 -6.33 19.80 -0.86
CA GLY A 34 -7.47 20.65 -1.14
C GLY A 34 -8.54 20.39 -0.10
N TYR A 35 -9.74 20.90 -0.37
CA TYR A 35 -10.90 20.81 0.49
C TYR A 35 -12.12 20.60 -0.35
N TYR A 36 -12.99 19.71 0.09
CA TYR A 36 -14.18 19.42 -0.68
C TYR A 36 -15.37 19.69 0.19
N GLN A 37 -16.31 20.49 -0.31
CA GLN A 37 -17.52 20.80 0.45
C GLN A 37 -18.53 19.66 0.37
N MET A 38 -18.72 18.98 1.50
CA MET A 38 -19.70 17.91 1.62
C MET A 38 -21.03 18.58 2.00
N LYS A 39 -22.02 17.80 2.45
CA LYS A 39 -23.38 18.36 2.71
C LYS A 39 -23.42 19.53 3.71
N LYS A 40 -22.55 19.51 4.71
CA LYS A 40 -22.39 20.66 5.60
C LYS A 40 -20.90 20.88 5.91
N VAL A 41 -20.24 19.82 6.36
CA VAL A 41 -18.84 19.93 6.74
C VAL A 41 -17.94 19.95 5.51
N VAL A 42 -16.82 20.63 5.65
CA VAL A 42 -15.79 20.71 4.62
C VAL A 42 -14.75 19.64 4.94
N LYS A 43 -14.29 18.93 3.92
CA LYS A 43 -13.43 17.81 4.14
C LYS A 43 -12.08 18.01 3.46
N THR A 44 -10.99 17.81 4.22
CA THR A 44 -9.65 17.96 3.72
C THR A 44 -9.35 16.74 2.81
N VAL A 45 -8.78 17.00 1.63
CA VAL A 45 -8.54 15.93 0.66
C VAL A 45 -7.13 15.98 0.08
N ALA A 46 -6.68 14.81 -0.37
CA ALA A 46 -5.47 14.66 -1.17
C ALA A 46 -5.96 14.34 -2.59
N VAL A 47 -5.48 15.11 -3.55
CA VAL A 47 -5.98 15.05 -4.92
C VAL A 47 -4.88 14.71 -5.88
N LYS A 48 -5.08 13.62 -6.61
CA LYS A 48 -4.14 13.20 -7.66
C LYS A 48 -4.67 13.82 -8.95
N ILE A 49 -3.86 14.69 -9.57
CA ILE A 49 -4.21 15.49 -10.76
C ILE A 49 -3.32 15.11 -11.95
N LEU A 50 -3.91 14.72 -13.08
CA LEU A 50 -3.12 14.31 -14.26
C LEU A 50 -2.42 15.44 -15.03
N LYS A 51 -1.23 15.12 -15.55
CA LYS A 51 -0.40 16.08 -16.30
C LYS A 51 -1.00 16.44 -17.65
N ASN A 52 -0.54 17.57 -18.20
CA ASN A 52 -0.93 18.03 -19.55
C ASN A 52 -2.43 17.89 -19.81
N GLU A 53 -3.23 18.42 -18.88
CA GLU A 53 -4.70 18.35 -18.90
C GLU A 53 -5.26 17.00 -19.40
N ALA A 54 -4.64 15.92 -18.91
CA ALA A 54 -5.07 14.52 -19.20
C ALA A 54 -4.98 14.14 -20.68
N ASN A 55 -3.91 14.59 -21.35
CA ASN A 55 -3.70 14.30 -22.78
C ASN A 55 -3.56 12.79 -23.09
N ASP A 56 -2.79 12.09 -22.27
CA ASP A 56 -2.49 10.66 -22.49
C ASP A 56 -3.66 9.73 -22.11
N PRO A 57 -4.20 8.95 -23.08
CA PRO A 57 -5.26 7.98 -22.76
C PRO A 57 -4.82 6.82 -21.86
N ALA A 58 -3.51 6.57 -21.75
CA ALA A 58 -2.99 5.56 -20.83
C ALA A 58 -3.20 6.04 -19.38
N LEU A 59 -2.65 7.20 -19.05
CA LEU A 59 -2.81 7.79 -17.71
C LEU A 59 -4.29 7.92 -17.36
N LYS A 60 -5.08 8.35 -18.32
CA LYS A 60 -6.53 8.54 -18.15
C LYS A 60 -7.20 7.22 -17.72
N ASP A 61 -6.96 6.17 -18.50
CA ASP A 61 -7.52 4.85 -18.18
C ASP A 61 -7.04 4.33 -16.82
N GLU A 62 -5.76 4.53 -16.50
CA GLU A 62 -5.22 4.04 -15.24
C GLU A 62 -5.87 4.76 -14.06
N LEU A 63 -6.09 6.06 -14.19
CA LEU A 63 -6.77 6.80 -13.11
C LEU A 63 -8.20 6.25 -12.92
N LEU A 64 -8.87 5.95 -14.02
CA LEU A 64 -10.24 5.43 -13.97
C LEU A 64 -10.28 4.01 -13.41
N ALA A 65 -9.25 3.22 -13.70
CA ALA A 65 -9.18 1.85 -13.17
C ALA A 65 -9.01 1.89 -11.64
N GLU A 66 -8.11 2.73 -11.16
CA GLU A 66 -7.87 2.94 -9.72
C GLU A 66 -9.13 3.36 -8.95
N ALA A 67 -9.89 4.29 -9.50
CA ALA A 67 -11.14 4.75 -8.91
C ALA A 67 -12.17 3.62 -8.87
N ASN A 68 -12.18 2.78 -9.91
CA ASN A 68 -13.10 1.65 -9.96
C ASN A 68 -12.85 0.70 -8.82
N VAL A 69 -11.57 0.49 -8.50
CA VAL A 69 -11.19 -0.34 -7.35
C VAL A 69 -11.64 0.37 -6.08
N MET A 70 -11.32 1.65 -5.92
CA MET A 70 -11.61 2.33 -4.62
C MET A 70 -13.12 2.34 -4.31
N GLN A 71 -13.96 2.46 -5.33
CA GLN A 71 -15.42 2.50 -5.12
C GLN A 71 -15.94 1.24 -4.42
N GLN A 72 -15.27 0.12 -4.64
CA GLN A 72 -15.69 -1.19 -4.09
C GLN A 72 -15.14 -1.45 -2.69
N LEU A 73 -14.20 -0.63 -2.23
CA LEU A 73 -13.57 -0.85 -0.93
C LEU A 73 -14.17 0.01 0.17
N ASP A 74 -14.39 -0.58 1.35
CA ASP A 74 -14.92 0.15 2.49
C ASP A 74 -14.38 -0.44 3.80
N ASN A 75 -13.29 0.15 4.32
CA ASN A 75 -12.57 -0.36 5.49
C ASN A 75 -11.86 0.72 6.28
N PRO A 76 -11.82 0.64 7.62
CA PRO A 76 -11.15 1.75 8.30
C PRO A 76 -9.62 1.89 8.11
N TYR A 77 -9.00 0.91 7.43
CA TYR A 77 -7.54 0.86 7.23
C TYR A 77 -7.16 0.94 5.73
N ILE A 78 -8.09 1.43 4.93
CA ILE A 78 -7.89 1.70 3.52
C ILE A 78 -8.35 3.12 3.22
N VAL A 79 -7.50 3.91 2.57
CA VAL A 79 -7.88 5.28 2.22
C VAL A 79 -9.23 5.27 1.46
N ARG A 80 -10.16 6.15 1.86
CA ARG A 80 -11.43 6.31 1.16
C ARG A 80 -11.35 7.29 0.01
N MET A 81 -12.04 6.95 -1.07
CA MET A 81 -12.18 7.85 -2.21
C MET A 81 -13.41 8.72 -2.02
N ILE A 82 -13.25 10.02 -2.24
CA ILE A 82 -14.40 10.96 -2.26
C ILE A 82 -15.03 10.87 -3.67
N GLY A 83 -14.22 11.06 -4.71
CA GLY A 83 -14.73 10.85 -6.05
C GLY A 83 -13.73 11.27 -7.11
N ILE A 84 -14.22 11.29 -8.35
CA ILE A 84 -13.47 11.74 -9.51
C ILE A 84 -13.98 13.10 -9.91
N CYS A 85 -13.09 13.97 -10.35
CA CYS A 85 -13.49 15.28 -10.84
C CYS A 85 -12.86 15.52 -12.20
N GLU A 86 -13.68 15.71 -13.23
CA GLU A 86 -13.22 16.10 -14.58
C GLU A 86 -13.29 17.60 -14.72
N ALA A 87 -12.16 18.28 -14.52
CA ALA A 87 -12.16 19.74 -14.58
C ALA A 87 -11.04 20.14 -15.53
N GLU A 88 -10.25 21.15 -15.16
CA GLU A 88 -9.12 21.59 -15.99
C GLU A 88 -8.21 20.40 -16.32
N SER A 89 -8.20 19.40 -15.44
CA SER A 89 -7.56 18.12 -15.69
C SER A 89 -8.45 17.06 -15.04
N TRP A 90 -8.07 15.79 -15.14
CA TRP A 90 -8.74 14.71 -14.43
C TRP A 90 -8.17 14.63 -13.04
N MET A 91 -9.04 14.48 -12.05
CA MET A 91 -8.60 14.48 -10.64
C MET A 91 -9.20 13.33 -9.87
N LEU A 92 -8.36 12.65 -9.09
CA LEU A 92 -8.83 11.60 -8.18
C LEU A 92 -8.74 12.12 -6.74
N VAL A 93 -9.91 12.28 -6.11
CA VAL A 93 -10.03 12.93 -4.79
C VAL A 93 -10.21 11.92 -3.68
N MET A 94 -9.21 11.85 -2.81
CA MET A 94 -9.17 10.92 -1.68
C MET A 94 -9.24 11.68 -0.34
N GLU A 95 -9.67 10.98 0.72
CA GLU A 95 -9.50 11.52 2.07
C GLU A 95 -8.01 11.84 2.25
N MET A 96 -7.71 12.92 2.98
CA MET A 96 -6.31 13.26 3.27
C MET A 96 -5.78 12.49 4.49
N ALA A 97 -4.64 11.78 4.36
CA ALA A 97 -3.98 11.11 5.53
C ALA A 97 -2.88 12.12 5.81
N GLU A 98 -3.03 12.91 6.88
CA GLU A 98 -2.22 14.16 7.04
C GLU A 98 -0.70 14.00 7.15
N LEU A 99 -0.25 12.93 7.78
CA LEU A 99 1.19 12.70 8.04
C LEU A 99 1.96 12.01 6.91
N GLY A 100 1.25 11.54 5.87
CA GLY A 100 1.91 11.04 4.66
C GLY A 100 2.52 9.63 4.80
N PRO A 101 3.39 9.25 3.86
CA PRO A 101 3.95 7.88 3.82
C PRO A 101 4.68 7.45 5.08
N LEU A 102 4.40 6.22 5.49
CA LEU A 102 5.00 5.60 6.64
C LEU A 102 6.52 5.59 6.58
N ASN A 103 7.11 5.29 5.42
CA ASN A 103 8.57 5.23 5.35
C ASN A 103 9.22 6.60 5.63
N LYS A 104 8.76 7.65 4.93
CA LYS A 104 9.27 9.00 5.15
C LYS A 104 9.08 9.43 6.59
N TYR A 105 7.90 9.14 7.16
CA TYR A 105 7.62 9.49 8.57
C TYR A 105 8.64 8.86 9.53
N LEU A 106 8.87 7.55 9.42
CA LEU A 106 9.76 6.86 10.33
C LEU A 106 11.20 7.31 10.11
N GLN A 107 11.55 7.67 8.87
CA GLN A 107 12.87 8.24 8.59
C GLN A 107 13.07 9.55 9.35
N GLN A 108 11.98 10.27 9.61
CA GLN A 108 12.05 11.57 10.32
C GLN A 108 11.79 11.44 11.83
N ASN A 109 11.30 10.28 12.26
CA ASN A 109 10.90 10.02 13.64
C ASN A 109 11.38 8.66 14.11
N ARG A 110 12.68 8.57 14.39
CA ARG A 110 13.29 7.30 14.81
C ARG A 110 13.08 6.97 16.30
N HIS A 111 12.35 7.81 17.02
CA HIS A 111 12.04 7.58 18.42
C HIS A 111 10.81 6.75 18.59
N VAL A 112 10.13 6.44 17.48
CA VAL A 112 8.82 5.78 17.56
C VAL A 112 9.01 4.42 18.22
N LYS A 113 8.20 4.10 19.22
CA LYS A 113 8.38 2.87 19.96
C LYS A 113 7.99 1.62 19.20
N ASP A 114 8.74 0.55 19.43
CA ASP A 114 8.40 -0.75 18.84
C ASP A 114 6.92 -1.07 19.00
N LYS A 115 6.36 -0.79 20.19
CA LYS A 115 4.94 -1.04 20.41
C LYS A 115 4.04 -0.23 19.42
N ASN A 116 4.42 1.02 19.13
CA ASN A 116 3.72 1.89 18.15
C ASN A 116 3.85 1.33 16.72
N ILE A 117 5.02 0.78 16.39
CA ILE A 117 5.22 0.12 15.09
C ILE A 117 4.33 -1.12 14.96
N ILE A 118 4.25 -1.94 16.01
CA ILE A 118 3.41 -3.14 15.95
C ILE A 118 1.94 -2.74 15.71
N GLU A 119 1.48 -1.73 16.45
CA GLU A 119 0.16 -1.14 16.30
C GLU A 119 -0.18 -0.84 14.84
N LEU A 120 0.73 -0.14 14.19
CA LEU A 120 0.56 0.33 12.82
C LEU A 120 0.61 -0.84 11.82
N VAL A 121 1.62 -1.70 11.92
CA VAL A 121 1.67 -2.92 11.09
C VAL A 121 0.42 -3.81 11.33
N HIS A 122 -0.07 -3.92 12.57
CA HIS A 122 -1.30 -4.65 12.78
C HIS A 122 -2.47 -4.05 12.02
N GLN A 123 -2.59 -2.72 12.05
CA GLN A 123 -3.65 -2.04 11.32
C GLN A 123 -3.55 -2.34 9.82
N VAL A 124 -2.35 -2.28 9.29
CA VAL A 124 -2.14 -2.69 7.91
C VAL A 124 -2.66 -4.12 7.67
N SER A 125 -2.38 -5.04 8.59
CA SER A 125 -2.75 -6.46 8.44
C SER A 125 -4.27 -6.68 8.47
N MET A 126 -4.95 -5.82 9.23
CA MET A 126 -6.42 -5.79 9.27
C MET A 126 -7.02 -5.32 7.95
N GLY A 127 -6.43 -4.29 7.38
CA GLY A 127 -6.88 -3.82 6.08
C GLY A 127 -6.66 -4.86 4.99
N MET A 128 -5.50 -5.54 5.03
CA MET A 128 -5.18 -6.60 4.12
C MET A 128 -6.03 -7.83 4.30
N LYS A 129 -6.38 -8.16 5.53
CA LYS A 129 -7.31 -9.26 5.78
C LYS A 129 -8.63 -8.93 5.07
N TYR A 130 -9.08 -7.70 5.22
CA TYR A 130 -10.30 -7.27 4.52
C TYR A 130 -10.14 -7.40 3.01
N LEU A 131 -9.02 -6.91 2.48
CA LEU A 131 -8.81 -6.96 1.04
C LEU A 131 -8.77 -8.40 0.52
N GLU A 132 -8.15 -9.29 1.26
CA GLU A 132 -8.09 -10.72 0.92
C GLU A 132 -9.52 -11.29 0.90
N GLU A 133 -10.27 -11.08 1.97
CA GLU A 133 -11.72 -11.46 2.01
C GLU A 133 -12.48 -10.92 0.79
N SER A 134 -12.20 -9.69 0.41
CA SER A 134 -12.88 -9.05 -0.73
C SER A 134 -12.31 -9.52 -2.11
N ASN A 135 -11.30 -10.37 -2.08
CA ASN A 135 -10.68 -10.91 -3.29
C ASN A 135 -10.08 -9.86 -4.20
N PHE A 136 -9.38 -8.91 -3.60
CA PHE A 136 -8.57 -7.95 -4.34
C PHE A 136 -7.13 -8.26 -3.99
N VAL A 137 -6.23 -8.08 -4.98
CA VAL A 137 -4.78 -8.16 -4.78
C VAL A 137 -4.24 -6.73 -4.88
N HIS A 138 -3.38 -6.31 -3.97
CA HIS A 138 -2.91 -4.93 -3.94
C HIS A 138 -1.80 -4.79 -4.97
N ARG A 139 -0.82 -5.68 -4.87
CA ARG A 139 0.35 -5.78 -5.79
C ARG A 139 1.44 -4.68 -5.69
N ASP A 140 1.33 -3.80 -4.70
CA ASP A 140 2.32 -2.78 -4.45
C ASP A 140 2.35 -2.42 -2.98
N LEU A 141 2.25 -3.45 -2.15
CA LEU A 141 2.22 -3.25 -0.72
C LEU A 141 3.63 -3.07 -0.15
N ALA A 142 3.83 -1.90 0.34
CA ALA A 142 5.11 -1.45 0.82
C ALA A 142 4.92 -0.26 1.65
N ALA A 143 5.94 0.05 2.45
CA ALA A 143 5.89 1.11 3.42
C ALA A 143 5.57 2.46 2.80
N ARG A 144 6.06 2.75 1.61
CA ARG A 144 5.74 4.02 0.94
C ARG A 144 4.25 4.20 0.59
N ASN A 145 3.47 3.11 0.59
CA ASN A 145 2.06 3.12 0.22
C ASN A 145 1.18 2.93 1.42
N VAL A 146 1.78 3.01 2.59
CA VAL A 146 1.01 3.09 3.83
C VAL A 146 1.04 4.54 4.29
N LEU A 147 -0.14 5.14 4.52
CA LEU A 147 -0.23 6.56 4.94
C LEU A 147 -0.70 6.71 6.39
N LEU A 148 -0.16 7.71 7.09
CA LEU A 148 -0.52 7.92 8.47
C LEU A 148 -1.55 9.04 8.60
N VAL A 149 -2.63 8.67 9.25
CA VAL A 149 -3.66 9.64 9.63
C VAL A 149 -3.22 10.36 10.92
N THR A 150 -2.74 9.57 11.87
CA THR A 150 -2.12 10.05 13.12
C THR A 150 -0.94 9.09 13.31
N GLN A 151 -0.06 9.40 14.27
CA GLN A 151 1.04 8.53 14.64
C GLN A 151 0.54 7.16 15.10
N HIS A 152 -0.76 7.06 15.33
CA HIS A 152 -1.41 5.81 15.75
C HIS A 152 -2.49 5.28 14.81
N TYR A 153 -2.53 5.74 13.57
CA TYR A 153 -3.57 5.30 12.63
C TYR A 153 -3.02 5.26 11.24
N ALA A 154 -2.81 4.05 10.71
CA ALA A 154 -2.29 3.86 9.36
C ALA A 154 -3.40 3.43 8.41
N LYS A 155 -3.30 3.84 7.16
CA LYS A 155 -4.16 3.38 6.09
C LYS A 155 -3.36 2.99 4.82
N ILE A 156 -3.82 1.95 4.15
CA ILE A 156 -3.26 1.47 2.91
C ILE A 156 -3.76 2.34 1.76
N SER A 157 -2.84 2.65 0.87
CA SER A 157 -3.09 3.51 -0.27
C SER A 157 -2.45 2.92 -1.52
N ASP A 158 -2.68 3.66 -2.62
CA ASP A 158 -2.14 3.45 -3.95
C ASP A 158 -2.53 2.09 -4.50
N PHE A 159 -3.75 2.03 -5.02
CA PHE A 159 -4.27 0.83 -5.62
C PHE A 159 -4.07 0.84 -7.14
N GLY A 160 -3.11 1.62 -7.63
CA GLY A 160 -2.80 1.73 -9.05
C GLY A 160 -2.49 0.40 -9.77
N LEU A 161 -1.89 -0.56 -9.06
CA LEU A 161 -1.55 -1.86 -9.66
C LEU A 161 -2.49 -2.97 -9.22
N SER A 162 -3.50 -2.63 -8.43
N SER A 162 -3.51 -2.61 -8.45
CA SER A 162 -4.39 -3.60 -7.83
CA SER A 162 -4.42 -3.57 -7.83
C SER A 162 -5.34 -4.24 -8.84
C SER A 162 -5.33 -4.24 -8.85
N LYS A 163 -5.75 -5.46 -8.53
CA LYS A 163 -6.65 -6.20 -9.43
C LYS A 163 -7.75 -6.86 -8.63
N ALA A 164 -8.99 -6.76 -9.10
CA ALA A 164 -10.10 -7.51 -8.51
C ALA A 164 -10.03 -8.88 -9.12
N LEU A 165 -9.90 -9.92 -8.29
CA LEU A 165 -9.79 -11.29 -8.82
C LEU A 165 -11.12 -11.79 -9.37
N ARG A 166 -11.05 -12.67 -10.34
CA ARG A 166 -12.25 -13.19 -10.97
C ARG A 166 -12.83 -14.16 -9.99
N ALA A 167 -14.13 -14.33 -10.10
CA ALA A 167 -14.87 -15.20 -9.22
C ALA A 167 -14.41 -16.66 -9.23
N ASP A 168 -13.71 -17.09 -10.29
CA ASP A 168 -13.26 -18.48 -10.42
C ASP A 168 -11.73 -18.70 -10.32
N GLU A 169 -11.01 -17.72 -9.78
N GLU A 169 -10.98 -17.71 -9.85
CA GLU A 169 -9.56 -17.80 -9.69
CA GLU A 169 -9.53 -17.87 -9.72
C GLU A 169 -9.05 -17.19 -8.40
C GLU A 169 -9.01 -17.15 -8.48
N ASN A 170 -7.90 -17.70 -7.95
CA ASN A 170 -7.27 -17.27 -6.72
C ASN A 170 -6.07 -16.36 -7.00
N TYR A 171 -5.75 -16.16 -8.28
CA TYR A 171 -4.65 -15.32 -8.65
C TYR A 171 -4.88 -14.58 -9.95
N TYR A 172 -4.09 -13.54 -10.09
CA TYR A 172 -4.02 -12.72 -11.28
C TYR A 172 -2.69 -13.00 -12.01
N LYS A 173 -2.76 -13.18 -13.34
CA LYS A 173 -1.56 -13.42 -14.19
C LYS A 173 -1.22 -12.13 -14.92
N ALA A 174 -0.03 -11.58 -14.68
CA ALA A 174 0.35 -10.27 -15.22
C ALA A 174 0.68 -10.32 -16.73
N GLY A 178 5.46 -2.36 -16.89
CA GLY A 178 6.46 -1.33 -16.63
C GLY A 178 7.01 -1.40 -15.23
N LYS A 179 6.34 -0.72 -14.31
CA LYS A 179 6.72 -0.72 -12.88
C LYS A 179 6.76 -2.16 -12.35
N TRP A 180 7.89 -2.52 -11.73
CA TRP A 180 8.13 -3.87 -11.24
C TRP A 180 8.93 -3.82 -9.94
N PRO A 181 8.25 -3.62 -8.79
CA PRO A 181 8.94 -3.51 -7.47
C PRO A 181 9.41 -4.88 -6.91
N VAL A 182 10.44 -5.43 -7.57
CA VAL A 182 10.98 -6.78 -7.36
C VAL A 182 11.34 -7.07 -5.89
N LYS A 183 11.86 -6.06 -5.19
CA LYS A 183 12.23 -6.24 -3.78
C LYS A 183 11.05 -6.53 -2.89
N TRP A 184 9.81 -6.29 -3.34
CA TRP A 184 8.61 -6.62 -2.49
C TRP A 184 7.85 -7.79 -3.04
N TYR A 185 8.34 -8.38 -4.11
CA TYR A 185 7.65 -9.45 -4.84
C TYR A 185 8.04 -10.87 -4.43
N ALA A 186 7.03 -11.74 -4.23
CA ALA A 186 7.31 -13.11 -3.90
C ALA A 186 7.89 -13.87 -5.14
N PRO A 187 8.57 -15.01 -4.89
CA PRO A 187 9.19 -15.79 -5.96
C PRO A 187 8.21 -16.20 -7.07
N GLU A 188 6.97 -16.59 -6.75
CA GLU A 188 6.00 -16.95 -7.80
C GLU A 188 5.61 -15.75 -8.72
N CYS A 189 5.64 -14.52 -8.21
CA CYS A 189 5.42 -13.31 -9.05
C CYS A 189 6.54 -13.19 -10.07
N ILE A 190 7.77 -13.39 -9.61
CA ILE A 190 8.93 -13.23 -10.50
C ILE A 190 9.05 -14.40 -11.48
N ASN A 191 8.86 -15.62 -10.97
CA ASN A 191 9.04 -16.86 -11.75
C ASN A 191 7.84 -17.30 -12.58
N TYR A 192 6.62 -16.96 -12.13
CA TYR A 192 5.40 -17.39 -12.83
C TYR A 192 4.39 -16.27 -13.09
N TYR A 193 4.73 -15.04 -12.71
CA TYR A 193 3.89 -13.86 -12.94
C TYR A 193 2.52 -13.99 -12.29
N LYS A 194 2.44 -14.78 -11.23
CA LYS A 194 1.18 -15.05 -10.52
C LYS A 194 1.10 -14.20 -9.25
N PHE A 195 0.05 -13.38 -9.20
CA PHE A 195 -0.24 -12.49 -8.05
C PHE A 195 -1.48 -12.89 -7.32
N SER A 196 -1.31 -13.16 -6.06
CA SER A 196 -2.39 -13.59 -5.17
C SER A 196 -2.32 -12.81 -3.86
N SER A 197 -3.29 -13.04 -2.99
CA SER A 197 -3.22 -12.47 -1.64
C SER A 197 -2.00 -13.02 -0.86
N LYS A 198 -1.61 -14.27 -1.14
CA LYS A 198 -0.39 -14.85 -0.56
C LYS A 198 0.85 -14.06 -1.01
N SER A 199 0.87 -13.62 -2.26
CA SER A 199 1.93 -12.73 -2.73
C SER A 199 1.93 -11.42 -1.94
N ASP A 200 0.80 -10.74 -1.82
CA ASP A 200 0.71 -9.57 -0.91
C ASP A 200 1.26 -9.91 0.54
N VAL A 201 1.08 -11.14 0.98
CA VAL A 201 1.58 -11.55 2.33
C VAL A 201 3.11 -11.46 2.40
N TRP A 202 3.76 -11.87 1.28
CA TRP A 202 5.22 -11.73 1.13
C TRP A 202 5.62 -10.25 1.17
N SER A 203 4.95 -9.41 0.39
CA SER A 203 5.20 -7.96 0.41
C SER A 203 5.02 -7.37 1.78
N PHE A 204 4.03 -7.88 2.53
CA PHE A 204 3.74 -7.41 3.89
C PHE A 204 4.88 -7.72 4.82
N GLY A 205 5.55 -8.85 4.58
CA GLY A 205 6.77 -9.17 5.29
C GLY A 205 7.85 -8.13 5.05
N VAL A 206 8.04 -7.75 3.78
CA VAL A 206 9.03 -6.71 3.49
C VAL A 206 8.62 -5.35 4.13
N LEU A 207 7.38 -4.92 3.92
CA LEU A 207 6.81 -3.75 4.63
C LEU A 207 7.12 -3.79 6.13
N MET A 208 6.89 -4.92 6.78
CA MET A 208 7.24 -5.09 8.19
C MET A 208 8.70 -4.80 8.50
N TRP A 209 9.58 -5.41 7.73
CA TRP A 209 11.01 -5.10 7.84
C TRP A 209 11.28 -3.60 7.68
N GLU A 210 10.70 -2.97 6.66
CA GLU A 210 10.89 -1.54 6.42
C GLU A 210 10.51 -0.69 7.62
N ALA A 211 9.37 -1.04 8.23
CA ALA A 211 8.80 -0.33 9.38
C ALA A 211 9.71 -0.45 10.61
N PHE A 212 10.18 -1.67 10.91
CA PHE A 212 11.08 -1.87 12.06
C PHE A 212 12.49 -1.36 11.74
N SER A 213 12.77 -1.09 10.47
CA SER A 213 14.05 -0.50 10.07
C SER A 213 13.92 1.02 9.96
N TYR A 214 12.82 1.56 10.46
CA TYR A 214 12.53 3.00 10.41
C TYR A 214 12.59 3.57 9.00
N GLY A 215 11.94 2.88 8.06
CA GLY A 215 11.84 3.38 6.70
C GLY A 215 13.08 3.24 5.84
N GLN A 216 14.05 2.45 6.27
CA GLN A 216 15.21 2.21 5.38
C GLN A 216 14.80 1.29 4.23
N LYS A 217 15.50 1.39 3.11
CA LYS A 217 15.17 0.59 1.94
C LYS A 217 15.57 -0.89 2.10
N PRO A 218 14.71 -1.84 1.66
CA PRO A 218 15.11 -3.26 1.75
C PRO A 218 16.17 -3.68 0.72
N TYR A 219 16.94 -4.73 1.05
CA TYR A 219 17.95 -5.32 0.18
C TYR A 219 18.84 -4.20 -0.35
N ARG A 220 19.41 -3.41 0.54
CA ARG A 220 20.11 -2.23 0.06
C ARG A 220 21.35 -2.60 -0.76
N GLY A 221 21.57 -1.81 -1.81
CA GLY A 221 22.71 -1.98 -2.68
C GLY A 221 22.60 -3.14 -3.61
N MET A 222 21.45 -3.82 -3.62
CA MET A 222 21.29 -4.99 -4.45
C MET A 222 20.38 -4.69 -5.66
N LYS A 223 20.76 -5.22 -6.81
CA LYS A 223 19.91 -5.21 -8.00
C LYS A 223 18.84 -6.30 -7.84
N GLY A 224 17.74 -6.16 -8.57
CA GLY A 224 16.64 -7.12 -8.49
C GLY A 224 17.09 -8.55 -8.71
N SER A 225 17.95 -8.75 -9.70
CA SER A 225 18.45 -10.09 -10.04
C SER A 225 19.21 -10.69 -8.86
N GLU A 226 19.91 -9.82 -8.13
CA GLU A 226 20.67 -10.22 -6.95
C GLU A 226 19.75 -10.62 -5.81
N VAL A 227 18.60 -9.95 -5.69
CA VAL A 227 17.61 -10.32 -4.64
C VAL A 227 17.00 -11.70 -4.92
N THR A 228 16.56 -11.91 -6.15
CA THR A 228 16.00 -13.20 -6.58
C THR A 228 16.95 -14.34 -6.28
N ALA A 229 18.24 -14.13 -6.57
CA ALA A 229 19.27 -15.14 -6.36
C ALA A 229 19.47 -15.40 -4.87
N MET A 230 19.46 -14.34 -4.08
CA MET A 230 19.58 -14.43 -2.62
C MET A 230 18.45 -15.26 -2.01
N LEU A 231 17.23 -14.93 -2.39
CA LEU A 231 16.04 -15.63 -1.89
C LEU A 231 16.01 -17.13 -2.27
N GLU A 232 16.39 -17.43 -3.51
CA GLU A 232 16.45 -18.80 -4.00
C GLU A 232 17.52 -19.62 -3.25
N LYS A 233 18.51 -18.96 -2.67
CA LYS A 233 19.48 -19.62 -1.80
C LYS A 233 18.95 -19.87 -0.39
N GLY A 234 17.72 -19.40 -0.10
CA GLY A 234 17.18 -19.53 1.26
C GLY A 234 17.58 -18.43 2.23
N GLU A 235 18.29 -17.43 1.74
CA GLU A 235 18.74 -16.30 2.52
C GLU A 235 17.66 -15.26 2.58
N ARG A 236 17.58 -14.61 3.73
CA ARG A 236 16.62 -13.58 4.01
C ARG A 236 17.29 -12.42 4.72
N MET A 237 16.77 -11.20 4.50
CA MET A 237 17.18 -10.05 5.31
C MET A 237 17.19 -10.39 6.80
N GLY A 238 18.13 -9.79 7.51
CA GLY A 238 18.27 -10.01 8.95
C GLY A 238 17.30 -9.22 9.79
N CYS A 239 17.30 -9.50 11.10
CA CYS A 239 16.43 -8.82 12.06
C CYS A 239 16.85 -7.36 12.26
N PRO A 240 15.93 -6.40 12.02
CA PRO A 240 16.36 -5.01 12.24
C PRO A 240 16.74 -4.70 13.68
N ALA A 241 17.66 -3.75 13.87
CA ALA A 241 18.03 -3.30 15.23
C ALA A 241 16.80 -3.02 16.10
N GLY A 242 16.69 -3.69 17.24
CA GLY A 242 15.60 -3.43 18.20
C GLY A 242 14.24 -4.04 17.89
N CYS A 243 14.17 -4.80 16.80
CA CYS A 243 12.92 -5.45 16.41
C CYS A 243 12.71 -6.67 17.26
N PRO A 244 11.53 -6.82 17.88
CA PRO A 244 11.30 -8.02 18.67
C PRO A 244 11.45 -9.28 17.84
N ARG A 245 11.97 -10.35 18.44
CA ARG A 245 12.17 -11.59 17.70
C ARG A 245 10.87 -12.15 17.16
N GLU A 246 9.80 -12.02 17.94
CA GLU A 246 8.48 -12.49 17.52
C GLU A 246 8.06 -11.87 16.19
N MET A 247 8.38 -10.60 16.00
CA MET A 247 8.07 -9.89 14.74
C MET A 247 8.98 -10.30 13.57
N TYR A 248 10.25 -10.55 13.86
CA TYR A 248 11.16 -11.05 12.82
C TYR A 248 10.72 -12.47 12.38
N ASP A 249 10.31 -13.29 13.34
CA ASP A 249 9.82 -14.62 13.02
C ASP A 249 8.60 -14.53 12.10
N LEU A 250 7.73 -13.54 12.33
CA LEU A 250 6.56 -13.38 11.49
C LEU A 250 6.99 -12.96 10.09
N MET A 251 7.97 -12.06 10.00
CA MET A 251 8.56 -11.69 8.71
C MET A 251 9.01 -12.93 7.94
N ASN A 252 9.82 -13.78 8.55
CA ASN A 252 10.25 -15.03 7.90
C ASN A 252 9.07 -15.96 7.48
N LEU A 253 8.00 -15.99 8.27
CA LEU A 253 6.84 -16.73 7.89
C LEU A 253 6.19 -16.14 6.62
N CYS A 254 6.14 -14.80 6.52
CA CYS A 254 5.61 -14.12 5.33
C CYS A 254 6.50 -14.46 4.11
N TRP A 255 7.79 -14.64 4.35
CA TRP A 255 8.76 -14.96 3.24
C TRP A 255 8.91 -16.45 3.05
N THR A 256 7.84 -17.21 3.31
CA THR A 256 7.81 -18.64 3.01
C THR A 256 7.88 -18.78 1.49
N TYR A 257 8.90 -19.47 1.00
CA TYR A 257 9.13 -19.58 -0.45
C TYR A 257 7.94 -20.19 -1.18
N ASP A 258 7.45 -21.33 -0.68
CA ASP A 258 6.34 -22.04 -1.30
C ASP A 258 5.02 -21.37 -0.91
N VAL A 259 4.35 -20.85 -1.91
CA VAL A 259 3.12 -20.10 -1.74
C VAL A 259 2.05 -20.95 -1.03
N GLU A 260 2.03 -22.25 -1.31
CA GLU A 260 1.05 -23.13 -0.73
C GLU A 260 1.14 -23.13 0.78
N ASN A 261 2.36 -23.11 1.29
CA ASN A 261 2.60 -23.18 2.74
C ASN A 261 2.75 -21.80 3.42
N ARG A 262 2.71 -20.74 2.63
CA ARG A 262 2.79 -19.38 3.17
C ARG A 262 1.44 -19.01 3.78
N PRO A 263 1.42 -18.34 4.95
CA PRO A 263 0.17 -17.92 5.58
C PRO A 263 -0.60 -16.87 4.79
N GLY A 264 -1.93 -16.88 4.95
CA GLY A 264 -2.78 -15.82 4.38
C GLY A 264 -2.93 -14.74 5.43
N PHE A 265 -3.61 -13.65 5.09
CA PHE A 265 -3.72 -12.51 6.03
C PHE A 265 -4.53 -12.80 7.30
N ALA A 266 -5.44 -13.78 7.26
CA ALA A 266 -6.17 -14.15 8.50
C ALA A 266 -5.19 -14.58 9.59
N ALA A 267 -4.25 -15.45 9.21
CA ALA A 267 -3.27 -15.98 10.16
C ALA A 267 -2.26 -14.90 10.55
N VAL A 268 -1.84 -14.08 9.58
CA VAL A 268 -0.89 -12.96 9.85
C VAL A 268 -1.48 -11.92 10.82
N GLU A 269 -2.71 -11.52 10.57
CA GLU A 269 -3.39 -10.51 11.40
C GLU A 269 -3.60 -11.08 12.81
N LEU A 270 -3.98 -12.35 12.87
CA LEU A 270 -4.18 -13.00 14.17
C LEU A 270 -2.91 -13.02 15.01
N ARG A 271 -1.77 -13.37 14.40
CA ARG A 271 -0.48 -13.31 15.11
C ARG A 271 -0.11 -11.91 15.59
N LEU A 272 -0.28 -10.89 14.74
CA LEU A 272 -0.01 -9.53 15.16
C LEU A 272 -0.97 -9.06 16.28
N ARG A 273 -2.22 -9.49 16.18
CA ARG A 273 -3.26 -9.16 17.18
C ARG A 273 -2.83 -9.70 18.54
N ASN A 274 -2.55 -11.00 18.59
CA ASN A 274 -2.15 -11.67 19.82
C ASN A 274 -0.84 -11.15 20.42
N TYR A 275 0.13 -10.80 19.58
CA TYR A 275 1.36 -10.23 20.11
C TYR A 275 1.13 -8.81 20.67
N TYR A 276 0.28 -8.04 19.99
CA TYR A 276 0.02 -6.64 20.37
C TYR A 276 -0.73 -6.54 21.69
N TYR A 277 -1.74 -7.39 21.86
CA TYR A 277 -2.60 -7.36 23.06
C TYR A 277 -2.07 -8.22 24.23
N ASP A 278 -1.52 -9.40 23.93
CA ASP A 278 -0.93 -10.29 24.95
C ASP A 278 0.55 -9.99 25.07
C01 4DF B . 0.29 9.41 -1.52
C05 4DF B . -0.63 10.34 -2.27
N08 4DF B . -2.07 10.08 -1.94
C09 4DF B . -2.98 9.82 -3.01
C10 4DF B . -3.99 10.75 -3.29
C12 4DF B . -4.90 10.51 -4.32
C14 4DF B . -4.80 9.38 -5.10
C16 4DF B . -3.80 8.46 -4.83
N17 4DF B . -3.46 7.28 -5.42
N19 4DF B . -2.38 6.70 -4.82
C20 4DF B . -2.03 7.52 -3.85
C22 4DF B . -2.87 8.65 -3.78
C23 4DF B . -2.53 10.41 -0.71
N24 4DF B . -1.77 11.28 -0.02
C25 4DF B . -2.21 11.63 1.20
N26 4DF B . -1.49 12.47 1.95
C28 4DF B . -0.14 12.88 1.87
C29 4DF B . 0.39 13.61 2.92
C31 4DF B . 1.69 14.09 2.87
C33 4DF B . 2.48 13.86 1.74
C34 4DF B . 3.91 14.28 1.53
N37 4DF B . 4.01 14.21 0.07
S39 4DF B . 3.12 12.98 -0.57
O40 4DF B . 3.76 11.70 -0.46
O41 4DF B . 2.57 13.32 -1.84
C42 4DF B . 1.93 13.15 0.70
C43 4DF B . 0.63 12.68 0.75
N45 4DF B . -3.33 11.20 1.81
C46 4DF B . -4.08 10.33 1.12
C48 4DF B . -3.69 9.92 -0.13
CL 4DF B . -4.68 8.72 -0.92
C1 GOL C . -7.18 4.71 15.95
O1 GOL C . -5.85 4.55 16.47
C2 GOL C . -7.50 3.65 14.88
O2 GOL C . -7.13 2.35 15.34
C3 GOL C . -8.99 3.61 14.56
O3 GOL C . -9.67 4.54 15.40
#